data_2YG9
#
_entry.id   2YG9
#
_cell.length_a   108.311
_cell.length_b   51.372
_cell.length_c   90.039
_cell.angle_alpha   90.00
_cell.angle_beta   99.71
_cell.angle_gamma   90.00
#
_symmetry.space_group_name_H-M   'C 1 2 1'
#
loop_
_entity.id
_entity.type
_entity.pdbx_description
1 polymer 'DNA-3-methyladenine glycosidase II, putative'
2 non-polymer 'CHLORIDE ION'
3 non-polymer GLYCEROL
4 non-polymer 'NICKEL (II) ION'
5 water water
#
_entity_poly.entity_id   1
_entity_poly.type   'polypeptide(L)'
_entity_poly.pdbx_seq_one_letter_code
;MRGGALHQNRRVTLPSVPLPAVLPPLTDHAGAVAHLSRDPVLAQVTSLCGELPVLAPTPDPFGRLVRSVAGQQLSVKAAQ
AIYGRLEGLPGGVVPAALLKVSGDDLRGVGLSWAKVRTVQAAAAAAVSGQIDFAHLSGQPDELVIAELVQLPGIGRWTAE
MFLLFALARPDVFSSGDLALRQGVERLYPGEDWRDVTARWAPYRSLASRYLWANSARMQAGGAPL
;
_entity_poly.pdbx_strand_id   A,B
#
# COMPACT_ATOMS: atom_id res chain seq x y z
N LEU A 19 12.25 -12.82 -10.33
CA LEU A 19 10.76 -12.85 -10.58
C LEU A 19 10.03 -12.66 -9.26
N PRO A 20 8.93 -11.86 -9.27
CA PRO A 20 8.26 -11.61 -7.98
C PRO A 20 7.74 -12.87 -7.29
N ALA A 21 7.84 -12.90 -5.96
CA ALA A 21 7.30 -14.01 -5.15
C ALA A 21 5.80 -14.10 -5.34
N VAL A 22 5.31 -15.33 -5.34
CA VAL A 22 3.89 -15.59 -5.53
C VAL A 22 3.13 -14.91 -4.39
N LEU A 23 2.11 -14.15 -4.75
CA LEU A 23 1.22 -13.54 -3.76
C LEU A 23 0.03 -14.47 -3.50
N PRO A 24 -0.30 -14.71 -2.21
CA PRO A 24 -1.41 -15.59 -1.92
C PRO A 24 -2.77 -15.00 -2.31
N PRO A 25 -3.75 -15.86 -2.61
CA PRO A 25 -5.11 -15.36 -2.82
C PRO A 25 -5.63 -14.57 -1.63
N LEU A 26 -6.37 -13.53 -1.91
CA LEU A 26 -7.04 -12.78 -0.87
C LEU A 26 -8.08 -13.68 -0.20
N THR A 27 -8.24 -13.49 1.10
CA THR A 27 -9.25 -14.21 1.83
C THR A 27 -10.43 -13.27 2.19
N ASP A 28 -10.17 -11.98 2.08
CA ASP A 28 -11.19 -10.94 2.19
CA ASP A 28 -11.14 -10.90 2.28
C ASP A 28 -10.67 -9.75 1.38
N HIS A 29 -11.58 -8.87 0.96
CA HIS A 29 -11.26 -7.71 0.11
C HIS A 29 -11.10 -6.33 0.79
N ALA A 30 -11.10 -6.26 2.12
CA ALA A 30 -11.07 -4.96 2.80
C ALA A 30 -9.79 -4.19 2.52
N GLY A 31 -8.66 -4.84 2.76
CA GLY A 31 -7.34 -4.29 2.45
C GLY A 31 -7.18 -3.88 1.01
N ALA A 32 -7.54 -4.77 0.10
CA ALA A 32 -7.59 -4.50 -1.34
C ALA A 32 -8.43 -3.28 -1.72
N VAL A 33 -9.66 -3.22 -1.25
CA VAL A 33 -10.52 -2.08 -1.56
C VAL A 33 -9.96 -0.75 -0.99
N ALA A 34 -9.34 -0.78 0.19
CA ALA A 34 -8.78 0.43 0.79
C ALA A 34 -7.64 0.90 -0.08
N HIS A 35 -6.79 -0.04 -0.51
CA HIS A 35 -5.67 0.30 -1.34
C HIS A 35 -6.14 0.90 -2.67
N LEU A 36 -7.03 0.21 -3.36
CA LEU A 36 -7.55 0.63 -4.66
C LEU A 36 -8.24 1.99 -4.59
N SER A 37 -8.99 2.18 -3.49
CA SER A 37 -9.71 3.40 -3.24
C SER A 37 -8.82 4.62 -3.07
N ARG A 38 -7.51 4.42 -2.92
CA ARG A 38 -6.61 5.56 -2.94
C ARG A 38 -6.59 6.26 -4.31
N ASP A 39 -7.00 5.55 -5.35
CA ASP A 39 -7.16 6.08 -6.68
C ASP A 39 -8.61 6.51 -6.67
N PRO A 40 -8.87 7.83 -6.75
CA PRO A 40 -10.26 8.33 -6.74
C PRO A 40 -11.19 7.71 -7.80
N VAL A 41 -10.65 7.24 -8.92
CA VAL A 41 -11.47 6.56 -9.91
C VAL A 41 -12.03 5.27 -9.32
N LEU A 42 -11.16 4.44 -8.75
CA LEU A 42 -11.56 3.18 -8.17
C LEU A 42 -12.32 3.37 -6.85
N ALA A 43 -12.06 4.45 -6.11
CA ALA A 43 -12.93 4.75 -4.97
C ALA A 43 -14.38 4.87 -5.38
N GLN A 44 -14.63 5.57 -6.49
CA GLN A 44 -15.96 5.74 -7.07
C GLN A 44 -16.48 4.42 -7.68
N VAL A 45 -15.65 3.77 -8.49
CA VAL A 45 -16.06 2.51 -9.14
C VAL A 45 -16.42 1.44 -8.09
N THR A 46 -15.62 1.30 -7.05
CA THR A 46 -15.88 0.30 -6.01
C THR A 46 -17.19 0.62 -5.24
N SER A 47 -17.45 1.89 -4.92
CA SER A 47 -18.75 2.21 -4.25
C SER A 47 -19.93 2.02 -5.18
N LEU A 48 -19.78 2.36 -6.47
CA LEU A 48 -20.87 2.18 -7.43
C LEU A 48 -21.17 0.70 -7.70
N CYS A 49 -20.12 -0.13 -7.67
CA CYS A 49 -20.30 -1.55 -8.05
C CYS A 49 -20.58 -2.41 -6.82
N GLY A 50 -20.19 -1.93 -5.64
CA GLY A 50 -20.40 -2.68 -4.42
C GLY A 50 -19.38 -3.80 -4.22
N GLU A 51 -19.78 -4.78 -3.41
CA GLU A 51 -18.88 -5.88 -3.05
C GLU A 51 -18.89 -6.97 -4.10
N LEU A 52 -17.71 -7.55 -4.33
CA LEU A 52 -17.52 -8.66 -5.25
C LEU A 52 -17.15 -9.90 -4.44
N PRO A 53 -17.63 -11.09 -4.83
CA PRO A 53 -17.30 -12.30 -4.06
C PRO A 53 -15.79 -12.64 -4.00
N VAL A 54 -15.35 -13.14 -2.86
CA VAL A 54 -13.96 -13.60 -2.71
C VAL A 54 -13.77 -14.95 -3.50
N LEU A 55 -12.82 -14.98 -4.43
CA LEU A 55 -12.48 -16.19 -5.20
C LEU A 55 -11.55 -17.11 -4.40
N ALA A 56 -11.91 -18.38 -4.34
CA ALA A 56 -11.11 -19.41 -3.69
C ALA A 56 -10.24 -20.08 -4.72
N PRO A 57 -8.96 -20.29 -4.40
CA PRO A 57 -8.14 -20.94 -5.39
C PRO A 57 -8.66 -22.39 -5.63
N THR A 58 -8.68 -22.84 -6.89
CA THR A 58 -9.22 -24.17 -7.21
C THR A 58 -8.30 -25.29 -6.68
N PRO A 59 -8.92 -26.34 -6.16
CA PRO A 59 -8.16 -27.51 -5.78
C PRO A 59 -7.78 -28.40 -7.00
N ASP A 60 -8.33 -28.06 -8.17
CA ASP A 60 -8.15 -28.84 -9.41
C ASP A 60 -7.85 -27.92 -10.60
N PRO A 61 -6.64 -27.36 -10.62
CA PRO A 61 -6.22 -26.48 -11.71
C PRO A 61 -6.41 -27.07 -13.13
N PHE A 62 -5.97 -28.32 -13.29
CA PHE A 62 -6.09 -29.00 -14.58
C PHE A 62 -7.55 -28.99 -15.09
N GLY A 63 -8.47 -29.51 -14.30
CA GLY A 63 -9.87 -29.51 -14.60
C GLY A 63 -10.41 -28.11 -14.87
N ARG A 64 -10.02 -27.11 -14.08
CA ARG A 64 -10.47 -25.74 -14.36
C ARG A 64 -9.92 -25.19 -15.66
N LEU A 65 -8.69 -25.58 -15.99
CA LEU A 65 -8.09 -25.24 -17.28
C LEU A 65 -8.95 -25.81 -18.40
N VAL A 66 -9.28 -27.09 -18.28
CA VAL A 66 -10.08 -27.79 -19.30
C VAL A 66 -11.46 -27.16 -19.39
N ARG A 67 -12.06 -26.81 -18.24
CA ARG A 67 -13.37 -26.11 -18.25
C ARG A 67 -13.30 -24.80 -19.03
N SER A 68 -12.26 -24.02 -18.77
CA SER A 68 -12.08 -22.72 -19.40
C SER A 68 -12.00 -22.87 -20.93
N VAL A 69 -11.12 -23.78 -21.36
CA VAL A 69 -10.89 -24.03 -22.78
C VAL A 69 -12.17 -24.49 -23.46
N ALA A 70 -12.79 -25.50 -22.89
CA ALA A 70 -14.03 -26.06 -23.43
C ALA A 70 -15.15 -25.07 -23.55
N GLY A 71 -15.28 -24.17 -22.56
CA GLY A 71 -16.33 -23.18 -22.56
C GLY A 71 -16.17 -21.96 -23.46
N GLN A 72 -14.98 -21.76 -24.05
CA GLN A 72 -14.67 -20.53 -24.81
C GLN A 72 -15.61 -20.32 -25.99
N GLN A 73 -16.17 -19.10 -26.09
CA GLN A 73 -17.17 -18.73 -27.13
C GLN A 73 -18.55 -19.36 -27.00
N LEU A 74 -18.78 -20.19 -25.97
CA LEU A 74 -20.07 -20.84 -25.80
C LEU A 74 -20.94 -20.09 -24.80
N SER A 75 -22.26 -20.30 -24.86
CA SER A 75 -23.14 -19.72 -23.86
C SER A 75 -22.79 -20.38 -22.51
N VAL A 76 -23.23 -19.75 -21.45
CA VAL A 76 -22.97 -20.26 -20.10
C VAL A 76 -23.55 -21.65 -19.90
N LYS A 77 -24.76 -21.90 -20.39
CA LYS A 77 -25.36 -23.23 -20.32
C LYS A 77 -24.67 -24.26 -21.20
N ALA A 78 -24.29 -23.84 -22.42
CA ALA A 78 -23.56 -24.74 -23.33
C ALA A 78 -22.18 -25.16 -22.77
N ALA A 79 -21.50 -24.21 -22.14
CA ALA A 79 -20.21 -24.42 -21.52
C ALA A 79 -20.34 -25.44 -20.39
N GLN A 80 -21.41 -25.32 -19.59
CA GLN A 80 -21.63 -26.27 -18.51
C GLN A 80 -21.90 -27.67 -19.01
N ALA A 81 -22.80 -27.79 -19.97
CA ALA A 81 -23.18 -29.04 -20.63
C ALA A 81 -21.99 -29.83 -21.16
N ILE A 82 -21.14 -29.14 -21.93
CA ILE A 82 -19.98 -29.79 -22.56
C ILE A 82 -18.95 -30.23 -21.52
N TYR A 83 -18.77 -29.43 -20.48
CA TYR A 83 -17.86 -29.81 -19.39
C TYR A 83 -18.41 -31.07 -18.67
N GLY A 84 -19.73 -31.14 -18.52
CA GLY A 84 -20.38 -32.30 -17.94
C GLY A 84 -20.19 -33.51 -18.81
N ARG A 85 -20.22 -33.35 -20.12
CA ARG A 85 -19.92 -34.49 -21.02
C ARG A 85 -18.45 -34.97 -20.94
N LEU A 86 -17.53 -34.03 -20.73
CA LEU A 86 -16.14 -34.38 -20.45
C LEU A 86 -16.00 -35.18 -19.16
N GLU A 87 -16.62 -34.68 -18.10
CA GLU A 87 -16.74 -35.38 -16.81
C GLU A 87 -17.30 -36.78 -16.93
N GLY A 88 -18.10 -37.01 -17.95
CA GLY A 88 -18.76 -38.28 -18.16
C GLY A 88 -17.95 -39.27 -18.95
N LEU A 89 -16.87 -38.82 -19.56
CA LEU A 89 -15.94 -39.73 -20.21
C LEU A 89 -15.30 -40.60 -19.15
N PRO A 90 -14.85 -41.80 -19.56
CA PRO A 90 -14.19 -42.72 -18.65
C PRO A 90 -12.97 -42.10 -17.95
N GLY A 91 -12.99 -42.07 -16.62
CA GLY A 91 -11.91 -41.48 -15.82
C GLY A 91 -12.07 -39.98 -15.55
N GLY A 92 -13.08 -39.36 -16.16
CA GLY A 92 -13.31 -37.95 -15.97
C GLY A 92 -12.23 -37.02 -16.50
N VAL A 93 -12.21 -35.84 -15.92
CA VAL A 93 -11.33 -34.75 -16.37
C VAL A 93 -10.05 -34.80 -15.56
N VAL A 94 -9.23 -35.77 -15.97
CA VAL A 94 -7.98 -36.10 -15.33
C VAL A 94 -7.02 -36.36 -16.50
N PRO A 95 -5.78 -35.86 -16.43
CA PRO A 95 -4.84 -35.96 -17.57
C PRO A 95 -4.65 -37.36 -18.19
N ALA A 96 -4.39 -38.37 -17.38
CA ALA A 96 -4.13 -39.69 -17.91
C ALA A 96 -5.38 -40.27 -18.54
N ALA A 97 -6.54 -40.00 -17.94
CA ALA A 97 -7.78 -40.49 -18.46
C ALA A 97 -8.11 -39.86 -19.81
N LEU A 98 -7.94 -38.55 -19.93
CA LEU A 98 -8.24 -37.82 -21.17
C LEU A 98 -7.37 -38.25 -22.36
N LEU A 99 -6.15 -38.70 -22.09
CA LEU A 99 -5.27 -39.26 -23.11
C LEU A 99 -5.69 -40.65 -23.62
N LYS A 100 -6.62 -41.30 -22.94
CA LYS A 100 -7.11 -42.59 -23.38
C LYS A 100 -8.41 -42.45 -24.18
N VAL A 101 -8.93 -41.24 -24.22
CA VAL A 101 -10.09 -40.90 -25.02
C VAL A 101 -9.57 -40.50 -26.41
N SER A 102 -10.20 -41.01 -27.47
CA SER A 102 -9.72 -40.71 -28.82
C SER A 102 -10.06 -39.26 -29.19
N GLY A 103 -9.38 -38.69 -30.16
CA GLY A 103 -9.77 -37.36 -30.65
C GLY A 103 -11.20 -37.34 -31.18
N ASP A 104 -11.63 -38.45 -31.76
CA ASP A 104 -12.96 -38.57 -32.31
C ASP A 104 -14.01 -38.52 -31.21
N ASP A 105 -13.73 -39.12 -30.06
CA ASP A 105 -14.66 -39.04 -28.94
C ASP A 105 -14.64 -37.66 -28.27
N LEU A 106 -13.50 -36.96 -28.25
CA LEU A 106 -13.48 -35.60 -27.74
C LEU A 106 -14.21 -34.65 -28.68
N ARG A 107 -14.05 -34.83 -29.99
CA ARG A 107 -14.92 -34.10 -30.94
C ARG A 107 -16.37 -34.41 -30.66
N GLY A 108 -16.61 -35.67 -30.40
CA GLY A 108 -17.93 -36.22 -30.10
C GLY A 108 -18.69 -35.57 -28.98
N VAL A 109 -17.98 -34.99 -28.02
CA VAL A 109 -18.65 -34.31 -26.94
C VAL A 109 -19.03 -32.93 -27.35
N GLY A 110 -18.56 -32.47 -28.51
CA GLY A 110 -18.92 -31.16 -29.02
C GLY A 110 -17.79 -30.17 -29.14
N LEU A 111 -16.56 -30.60 -28.89
CA LEU A 111 -15.41 -29.71 -28.95
C LEU A 111 -14.98 -29.44 -30.37
N SER A 112 -14.66 -28.19 -30.64
CA SER A 112 -13.96 -27.86 -31.90
C SER A 112 -12.62 -28.61 -31.96
N TRP A 113 -12.07 -28.81 -33.15
CA TRP A 113 -10.75 -29.41 -33.27
C TRP A 113 -9.68 -28.61 -32.52
N ALA A 114 -9.73 -27.28 -32.60
CA ALA A 114 -8.84 -26.42 -31.82
C ALA A 114 -8.85 -26.80 -30.31
N LYS A 115 -10.03 -26.91 -29.73
CA LYS A 115 -10.18 -27.25 -28.31
C LYS A 115 -9.77 -28.67 -28.02
N VAL A 116 -10.08 -29.63 -28.92
CA VAL A 116 -9.54 -31.01 -28.80
C VAL A 116 -8.02 -31.02 -28.64
N ARG A 117 -7.36 -30.27 -29.49
CA ARG A 117 -5.91 -30.20 -29.54
CA ARG A 117 -5.91 -30.28 -29.50
C ARG A 117 -5.34 -29.58 -28.29
N THR A 118 -5.93 -28.50 -27.88
CA THR A 118 -5.55 -27.80 -26.63
C THR A 118 -5.70 -28.71 -25.42
N VAL A 119 -6.87 -29.31 -25.28
CA VAL A 119 -7.12 -30.30 -24.22
C VAL A 119 -6.17 -31.51 -24.26
N GLN A 120 -5.94 -32.09 -25.44
CA GLN A 120 -4.93 -33.12 -25.54
C GLN A 120 -3.56 -32.65 -25.15
N ALA A 121 -3.24 -31.42 -25.55
CA ALA A 121 -1.92 -30.85 -25.31
C ALA A 121 -1.70 -30.65 -23.82
N ALA A 122 -2.73 -30.15 -23.14
CA ALA A 122 -2.71 -29.89 -21.68
C ALA A 122 -2.60 -31.20 -20.90
N ALA A 123 -3.38 -32.23 -21.30
CA ALA A 123 -3.27 -33.55 -20.63
C ALA A 123 -1.83 -34.11 -20.79
N ALA A 124 -1.28 -34.01 -22.00
CA ALA A 124 0.06 -34.51 -22.33
C ALA A 124 1.10 -33.79 -21.54
N ALA A 125 0.90 -32.50 -21.32
CA ALA A 125 1.85 -31.68 -20.57
C ALA A 125 1.84 -32.08 -19.09
N ALA A 126 0.67 -32.44 -18.58
CA ALA A 126 0.50 -32.91 -17.20
C ALA A 126 1.18 -34.28 -16.98
N VAL A 127 0.98 -35.22 -17.90
CA VAL A 127 1.49 -36.58 -17.69
C VAL A 127 3.01 -36.64 -17.93
N SER A 128 3.50 -35.74 -18.77
CA SER A 128 4.93 -35.67 -19.08
C SER A 128 5.69 -34.84 -18.07
N GLY A 129 5.01 -34.17 -17.15
CA GLY A 129 5.64 -33.32 -16.16
C GLY A 129 6.03 -31.92 -16.63
N GLN A 130 5.64 -31.55 -17.84
CA GLN A 130 5.94 -30.24 -18.43
C GLN A 130 5.21 -29.14 -17.68
N ILE A 131 4.01 -29.44 -17.20
CA ILE A 131 3.27 -28.55 -16.34
C ILE A 131 2.82 -29.37 -15.14
N ASP A 132 3.20 -28.91 -13.95
CA ASP A 132 2.94 -29.62 -12.70
C ASP A 132 1.74 -28.94 -12.06
N PHE A 133 0.55 -29.31 -12.56
CA PHE A 133 -0.70 -28.71 -12.13
C PHE A 133 -0.93 -28.90 -10.64
N ALA A 134 -0.35 -29.95 -10.05
CA ALA A 134 -0.52 -30.18 -8.61
C ALA A 134 0.32 -29.25 -7.73
N HIS A 135 1.35 -28.64 -8.32
CA HIS A 135 2.29 -27.79 -7.56
C HIS A 135 2.52 -26.39 -8.19
N LEU A 136 1.43 -25.68 -8.48
CA LEU A 136 1.54 -24.31 -9.07
C LEU A 136 1.70 -23.23 -8.01
N SER A 137 1.26 -23.56 -6.79
CA SER A 137 1.16 -22.60 -5.70
C SER A 137 2.42 -21.84 -5.47
N GLY A 138 3.53 -22.50 -5.74
CA GLY A 138 4.84 -21.90 -5.51
C GLY A 138 5.47 -21.23 -6.71
N GLN A 139 4.83 -21.32 -7.88
CA GLN A 139 5.39 -20.74 -9.11
C GLN A 139 4.99 -19.27 -9.30
N PRO A 140 5.96 -18.39 -9.58
CA PRO A 140 5.60 -17.01 -9.95
C PRO A 140 4.67 -16.96 -11.15
N ASP A 141 3.79 -15.96 -11.16
CA ASP A 141 2.80 -15.74 -12.24
C ASP A 141 3.39 -15.96 -13.61
N GLU A 142 4.50 -15.28 -13.88
CA GLU A 142 5.10 -15.31 -15.21
C GLU A 142 5.60 -16.68 -15.67
N LEU A 143 6.06 -17.48 -14.73
CA LEU A 143 6.51 -18.84 -15.03
C LEU A 143 5.31 -19.74 -15.36
N VAL A 144 4.22 -19.61 -14.60
CA VAL A 144 2.97 -20.32 -14.93
C VAL A 144 2.47 -19.89 -16.32
N ILE A 145 2.43 -18.58 -16.52
CA ILE A 145 2.02 -18.01 -17.81
C ILE A 145 2.82 -18.60 -18.95
N ALA A 146 4.14 -18.58 -18.85
CA ALA A 146 4.99 -18.99 -19.97
C ALA A 146 4.72 -20.46 -20.32
N GLU A 147 4.52 -21.31 -19.30
CA GLU A 147 4.27 -22.72 -19.60
C GLU A 147 2.92 -22.96 -20.22
N LEU A 148 1.89 -22.25 -19.76
CA LEU A 148 0.56 -22.35 -20.37
C LEU A 148 0.54 -21.86 -21.82
N VAL A 149 1.17 -20.71 -22.06
CA VAL A 149 1.32 -20.12 -23.40
C VAL A 149 1.89 -21.09 -24.44
N GLN A 150 2.76 -21.98 -24.01
CA GLN A 150 3.37 -22.96 -24.94
C GLN A 150 2.37 -23.97 -25.49
N LEU A 151 1.22 -24.08 -24.85
CA LEU A 151 0.19 -25.00 -25.33
C LEU A 151 -0.54 -24.35 -26.49
N PRO A 152 -0.90 -25.16 -27.52
CA PRO A 152 -1.62 -24.59 -28.66
C PRO A 152 -3.00 -24.11 -28.22
N GLY A 153 -3.42 -22.94 -28.69
CA GLY A 153 -4.75 -22.41 -28.36
C GLY A 153 -4.82 -21.62 -27.06
N ILE A 154 -3.74 -21.63 -26.29
CA ILE A 154 -3.72 -20.92 -25.03
C ILE A 154 -2.67 -19.83 -25.19
N GLY A 155 -3.11 -18.57 -25.22
CA GLY A 155 -2.23 -17.41 -25.28
C GLY A 155 -2.06 -16.83 -23.89
N ARG A 156 -1.40 -15.68 -23.84
CA ARG A 156 -1.20 -14.96 -22.59
C ARG A 156 -2.55 -14.62 -21.89
N TRP A 157 -3.54 -14.18 -22.68
CA TRP A 157 -4.82 -13.75 -22.11
C TRP A 157 -5.53 -14.90 -21.36
N THR A 158 -5.64 -16.04 -22.01
CA THR A 158 -6.21 -17.23 -21.39
C THR A 158 -5.42 -17.65 -20.12
N ALA A 159 -4.09 -17.65 -20.23
CA ALA A 159 -3.21 -17.97 -19.08
C ALA A 159 -3.46 -17.04 -17.92
N GLU A 160 -3.59 -15.75 -18.21
CA GLU A 160 -3.83 -14.70 -17.21
C GLU A 160 -5.20 -14.76 -16.58
N MET A 161 -6.21 -15.08 -17.39
CA MET A 161 -7.55 -15.28 -16.88
C MET A 161 -7.59 -16.49 -15.94
N PHE A 162 -6.83 -17.51 -16.29
CA PHE A 162 -6.70 -18.72 -15.48
C PHE A 162 -6.05 -18.45 -14.09
N LEU A 163 -4.97 -17.72 -14.10
CA LEU A 163 -4.36 -17.24 -12.86
C LEU A 163 -5.34 -16.46 -12.00
N LEU A 164 -6.07 -15.52 -12.62
CA LEU A 164 -6.96 -14.64 -11.90
C LEU A 164 -8.19 -15.38 -11.37
N PHE A 165 -8.88 -16.08 -12.25
CA PHE A 165 -10.12 -16.71 -11.89
C PHE A 165 -9.98 -18.13 -11.33
N ALA A 166 -9.05 -18.95 -11.82
CA ALA A 166 -8.96 -20.35 -11.30
C ALA A 166 -8.07 -20.41 -10.08
N LEU A 167 -6.89 -19.81 -10.20
CA LEU A 167 -5.90 -19.89 -9.16
C LEU A 167 -6.10 -18.78 -8.12
N ALA A 168 -7.02 -17.84 -8.41
CA ALA A 168 -7.28 -16.67 -7.51
C ALA A 168 -6.05 -15.87 -7.13
N ARG A 169 -5.12 -15.73 -8.07
CA ARG A 169 -3.98 -14.88 -7.84
C ARG A 169 -4.41 -13.43 -7.80
N PRO A 170 -3.87 -12.65 -6.85
CA PRO A 170 -4.36 -11.27 -6.58
C PRO A 170 -3.81 -10.11 -7.42
N ASP A 171 -2.80 -10.33 -8.25
CA ASP A 171 -2.10 -9.21 -8.81
C ASP A 171 -1.91 -9.30 -10.34
N VAL A 172 -3.02 -9.58 -11.03
CA VAL A 172 -3.01 -9.82 -12.46
C VAL A 172 -3.81 -8.75 -13.21
N PHE A 173 -3.13 -7.96 -14.03
CA PHE A 173 -3.80 -7.11 -14.99
C PHE A 173 -3.43 -7.61 -16.36
N SER A 174 -4.42 -8.10 -17.08
CA SER A 174 -4.31 -8.55 -18.44
C SER A 174 -4.39 -7.39 -19.46
N SER A 175 -3.21 -6.99 -19.97
CA SER A 175 -3.09 -5.86 -20.86
C SER A 175 -3.63 -6.18 -22.26
N GLY A 176 -3.85 -7.45 -22.55
CA GLY A 176 -4.54 -7.90 -23.76
C GLY A 176 -6.04 -8.13 -23.66
N ASP A 177 -6.65 -7.82 -22.52
CA ASP A 177 -8.09 -7.90 -22.37
C ASP A 177 -8.63 -6.58 -22.89
N LEU A 178 -9.44 -6.66 -23.95
CA LEU A 178 -9.97 -5.45 -24.59
C LEU A 178 -10.84 -4.67 -23.66
N ALA A 179 -11.66 -5.32 -22.83
CA ALA A 179 -12.55 -4.60 -21.96
C ALA A 179 -11.80 -3.88 -20.85
N LEU A 180 -10.74 -4.47 -20.32
CA LEU A 180 -9.92 -3.79 -19.33
C LEU A 180 -9.25 -2.55 -19.96
N ARG A 181 -8.66 -2.74 -21.14
CA ARG A 181 -7.99 -1.64 -21.80
C ARG A 181 -8.93 -0.50 -22.21
N GLN A 182 -10.14 -0.84 -22.63
CA GLN A 182 -11.19 0.16 -23.00
C GLN A 182 -11.64 0.95 -21.80
N GLY A 183 -11.72 0.25 -20.64
CA GLY A 183 -12.01 0.83 -19.36
C GLY A 183 -10.94 1.80 -18.86
N VAL A 184 -9.67 1.42 -19.01
CA VAL A 184 -8.59 2.32 -18.59
C VAL A 184 -8.53 3.54 -19.51
N GLU A 185 -8.72 3.32 -20.81
CA GLU A 185 -8.76 4.40 -21.78
CA GLU A 185 -8.75 4.43 -21.75
C GLU A 185 -9.89 5.41 -21.46
N ARG A 186 -11.06 4.90 -21.11
CA ARG A 186 -12.23 5.71 -20.83
C ARG A 186 -12.10 6.51 -19.51
N LEU A 187 -11.62 5.82 -18.48
CA LEU A 187 -11.57 6.37 -17.15
C LEU A 187 -10.28 7.17 -16.92
N TYR A 188 -9.21 6.86 -17.65
CA TYR A 188 -7.96 7.55 -17.50
C TYR A 188 -7.40 8.02 -18.86
N PRO A 189 -8.16 8.85 -19.56
CA PRO A 189 -7.71 9.37 -20.85
C PRO A 189 -6.38 10.15 -20.78
N GLY A 190 -5.45 9.82 -21.68
CA GLY A 190 -4.19 10.54 -21.72
C GLY A 190 -3.18 10.11 -20.68
N GLU A 191 -3.50 9.05 -19.94
CA GLU A 191 -2.62 8.53 -18.92
C GLU A 191 -2.01 7.23 -19.42
N ASP A 192 -0.78 6.96 -19.00
CA ASP A 192 -0.07 5.75 -19.35
C ASP A 192 -0.70 4.59 -18.59
N TRP A 193 -1.25 3.62 -19.31
CA TRP A 193 -1.89 2.48 -18.67
C TRP A 193 -0.91 1.70 -17.73
N ARG A 194 0.38 1.62 -18.06
CA ARG A 194 1.33 0.95 -17.15
C ARG A 194 1.43 1.65 -15.79
N ASP A 195 1.38 2.97 -15.82
CA ASP A 195 1.35 3.80 -14.63
C ASP A 195 0.06 3.61 -13.83
N VAL A 196 -1.05 3.84 -14.49
CA VAL A 196 -2.35 3.65 -13.86
C VAL A 196 -2.47 2.30 -13.13
N THR A 197 -2.18 1.22 -13.84
CA THR A 197 -2.37 -0.13 -13.32
C THR A 197 -1.31 -0.56 -12.28
N ALA A 198 -0.08 -0.05 -12.40
CA ALA A 198 0.98 -0.32 -11.41
C ALA A 198 0.60 0.13 -9.99
N ARG A 199 -0.13 1.24 -9.91
CA ARG A 199 -0.60 1.79 -8.65
CA ARG A 199 -0.60 1.78 -8.63
C ARG A 199 -1.52 0.83 -7.91
N TRP A 200 -2.27 0.04 -8.69
CA TRP A 200 -3.20 -0.92 -8.13
C TRP A 200 -2.51 -2.11 -7.52
N ALA A 201 -1.29 -2.42 -7.96
CA ALA A 201 -0.50 -3.48 -7.35
C ALA A 201 -0.41 -3.28 -5.83
N PRO A 202 -0.48 -4.35 -5.02
CA PRO A 202 -0.59 -5.78 -5.34
C PRO A 202 -2.00 -6.36 -5.49
N TYR A 203 -2.94 -5.53 -5.97
CA TYR A 203 -4.36 -5.92 -6.07
C TYR A 203 -4.90 -5.64 -7.48
N ARG A 204 -4.09 -5.94 -8.48
CA ARG A 204 -4.51 -5.71 -9.88
C ARG A 204 -5.64 -6.64 -10.30
N SER A 205 -5.74 -7.82 -9.68
CA SER A 205 -6.83 -8.76 -10.00
C SER A 205 -8.18 -8.19 -9.60
N LEU A 206 -8.32 -7.71 -8.36
CA LEU A 206 -9.59 -7.14 -7.94
C LEU A 206 -9.90 -5.85 -8.68
N ALA A 207 -8.89 -5.03 -8.94
CA ALA A 207 -9.07 -3.81 -9.76
C ALA A 207 -9.64 -4.23 -11.11
N SER A 208 -9.01 -5.23 -11.75
CA SER A 208 -9.51 -5.78 -13.02
C SER A 208 -10.99 -6.21 -12.90
N ARG A 209 -11.33 -6.94 -11.85
CA ARG A 209 -12.71 -7.37 -11.64
C ARG A 209 -13.68 -6.20 -11.47
N TYR A 210 -13.22 -5.14 -10.82
CA TYR A 210 -14.03 -3.91 -10.71
C TYR A 210 -14.18 -3.19 -12.04
N LEU A 211 -13.15 -3.17 -12.88
CA LEU A 211 -13.33 -2.64 -14.23
C LEU A 211 -14.38 -3.41 -15.05
N TRP A 212 -14.35 -4.74 -14.98
CA TRP A 212 -15.37 -5.53 -15.68
C TRP A 212 -16.74 -5.29 -15.05
N ALA A 213 -16.77 -5.13 -13.73
CA ALA A 213 -18.05 -4.92 -13.05
C ALA A 213 -18.63 -3.55 -13.46
N ASN A 214 -17.77 -2.56 -13.63
CA ASN A 214 -18.21 -1.23 -14.00
C ASN A 214 -18.75 -1.23 -15.42
N SER A 215 -18.15 -2.06 -16.26
CA SER A 215 -18.60 -2.14 -17.64
C SER A 215 -20.02 -2.72 -17.67
N ALA A 216 -20.24 -3.79 -16.93
CA ALA A 216 -21.54 -4.43 -16.74
C ALA A 216 -22.57 -3.44 -16.18
N ARG A 217 -22.13 -2.63 -15.21
CA ARG A 217 -22.94 -1.56 -14.63
C ARG A 217 -23.40 -0.54 -15.65
N MET A 218 -22.48 -0.07 -16.50
CA MET A 218 -22.79 0.81 -17.62
C MET A 218 -23.68 0.10 -18.66
N GLN A 219 -23.40 -1.17 -18.96
CA GLN A 219 -24.22 -1.87 -19.96
CA GLN A 219 -24.21 -1.92 -19.95
C GLN A 219 -25.66 -2.07 -19.46
N ALA A 220 -25.84 -1.99 -18.14
CA ALA A 220 -27.16 -2.04 -17.47
C ALA A 220 -27.83 -0.68 -17.34
N GLY A 221 -27.22 0.40 -17.84
CA GLY A 221 -27.85 1.71 -17.83
C GLY A 221 -27.38 2.63 -16.73
N GLY A 222 -26.33 2.23 -15.98
CA GLY A 222 -25.77 3.02 -14.88
C GLY A 222 -25.25 4.38 -15.31
N ALA A 223 -25.14 5.31 -14.37
CA ALA A 223 -24.51 6.60 -14.66
C ALA A 223 -22.96 6.51 -14.76
N PRO A 224 -22.38 7.25 -15.71
CA PRO A 224 -20.92 7.25 -15.81
C PRO A 224 -20.29 8.04 -14.67
N LEU A 225 -19.01 7.74 -14.40
CA LEU A 225 -18.13 8.61 -13.67
C LEU A 225 -18.08 9.88 -14.54
N PRO B 20 -8.98 10.38 11.16
CA PRO B 20 -8.38 9.05 10.96
C PRO B 20 -7.83 8.45 12.26
N ALA B 21 -8.08 7.14 12.44
CA ALA B 21 -7.58 6.41 13.59
C ALA B 21 -6.08 6.59 13.70
N VAL B 22 -5.60 6.49 14.92
CA VAL B 22 -4.18 6.57 15.23
C VAL B 22 -3.43 5.38 14.56
N LEU B 23 -2.44 5.67 13.74
CA LEU B 23 -1.57 4.63 13.15
C LEU B 23 -0.44 4.30 14.12
N PRO B 24 -0.18 3.00 14.34
CA PRO B 24 0.87 2.70 15.33
C PRO B 24 2.28 3.04 14.84
N PRO B 25 3.20 3.36 15.77
CA PRO B 25 4.60 3.44 15.41
C PRO B 25 5.15 2.17 14.75
N LEU B 26 6.07 2.36 13.81
CA LEU B 26 6.75 1.20 13.23
C LEU B 26 7.71 0.63 14.25
N THR B 27 7.79 -0.70 14.26
CA THR B 27 8.85 -1.39 14.99
C THR B 27 9.97 -1.84 14.05
N ASP B 28 9.77 -1.68 12.73
CA ASP B 28 10.82 -1.89 11.73
C ASP B 28 10.43 -1.20 10.40
N HIS B 29 11.41 -0.96 9.53
CA HIS B 29 11.16 -0.15 8.34
C HIS B 29 10.95 -0.89 7.01
N ALA B 30 10.92 -2.21 7.03
CA ALA B 30 10.89 -3.00 5.78
C ALA B 30 9.67 -2.70 4.91
N GLY B 31 8.49 -2.74 5.50
CA GLY B 31 7.25 -2.44 4.79
C GLY B 31 7.15 -1.01 4.33
N ALA B 32 7.58 -0.08 5.16
CA ALA B 32 7.56 1.34 4.82
C ALA B 32 8.47 1.63 3.62
N VAL B 33 9.69 1.09 3.66
CA VAL B 33 10.66 1.29 2.56
C VAL B 33 10.22 0.66 1.25
N ALA B 34 9.60 -0.51 1.34
CA ALA B 34 9.07 -1.16 0.16
C ALA B 34 7.96 -0.32 -0.43
N HIS B 35 7.10 0.24 0.42
CA HIS B 35 6.01 1.07 -0.07
C HIS B 35 6.52 2.37 -0.70
N LEU B 36 7.43 3.04 0.01
CA LEU B 36 8.02 4.31 -0.44
C LEU B 36 8.81 4.10 -1.71
N SER B 37 9.46 2.94 -1.85
CA SER B 37 10.25 2.61 -3.00
C SER B 37 9.42 2.41 -4.28
N ARG B 38 8.09 2.33 -4.15
CA ARG B 38 7.22 2.34 -5.31
C ARG B 38 7.28 3.64 -6.11
N ASP B 39 7.73 4.72 -5.44
CA ASP B 39 8.07 6.01 -6.01
C ASP B 39 9.57 5.96 -6.37
N PRO B 40 9.89 5.99 -7.68
CA PRO B 40 11.25 5.85 -8.12
C PRO B 40 12.21 6.87 -7.52
N VAL B 41 11.71 8.03 -7.09
CA VAL B 41 12.56 9.06 -6.43
C VAL B 41 13.00 8.52 -5.07
N LEU B 42 12.04 8.03 -4.27
CA LEU B 42 12.38 7.46 -2.98
C LEU B 42 13.07 6.07 -3.06
N ALA B 43 12.84 5.26 -4.11
CA ALA B 43 13.69 4.08 -4.32
C ALA B 43 15.18 4.44 -4.37
N GLN B 44 15.52 5.49 -5.13
CA GLN B 44 16.89 5.96 -5.20
C GLN B 44 17.33 6.65 -3.90
N VAL B 45 16.47 7.51 -3.35
CA VAL B 45 16.85 8.22 -2.13
C VAL B 45 17.11 7.27 -0.99
N THR B 46 16.24 6.28 -0.78
CA THR B 46 16.46 5.28 0.30
C THR B 46 17.74 4.46 0.05
N SER B 47 18.00 4.06 -1.18
CA SER B 47 19.23 3.27 -1.42
C SER B 47 20.49 4.13 -1.20
N LEU B 48 20.45 5.39 -1.62
CA LEU B 48 21.57 6.32 -1.39
C LEU B 48 21.81 6.67 0.10
N CYS B 49 20.73 6.76 0.88
CA CYS B 49 20.84 7.21 2.25
C CYS B 49 20.99 6.05 3.21
N GLY B 50 20.61 4.86 2.81
CA GLY B 50 20.73 3.68 3.63
C GLY B 50 19.64 3.60 4.69
N GLU B 51 19.91 2.78 5.71
CA GLU B 51 19.04 2.60 6.86
C GLU B 51 18.99 3.77 7.84
N LEU B 52 17.81 4.01 8.39
CA LEU B 52 17.56 5.08 9.33
C LEU B 52 17.10 4.38 10.58
N PRO B 53 17.46 4.92 11.76
CA PRO B 53 17.02 4.30 13.03
C PRO B 53 15.48 4.25 13.20
N VAL B 54 15.01 3.18 13.81
CA VAL B 54 13.60 3.04 14.14
C VAL B 54 13.27 3.84 15.41
N LEU B 55 12.35 4.79 15.30
CA LEU B 55 11.95 5.63 16.45
C LEU B 55 10.92 4.93 17.32
N ALA B 56 11.01 5.13 18.63
CA ALA B 56 10.11 4.52 19.58
C ALA B 56 9.23 5.60 20.16
N PRO B 57 7.93 5.33 20.36
CA PRO B 57 7.15 6.40 20.99
C PRO B 57 7.55 6.66 22.46
N THR B 58 7.69 7.92 22.84
CA THR B 58 8.09 8.28 24.19
C THR B 58 6.95 7.98 25.17
N PRO B 59 7.27 7.39 26.33
CA PRO B 59 6.28 7.26 27.43
C PRO B 59 6.13 8.59 28.19
N ASP B 60 6.98 9.57 27.85
CA ASP B 60 7.01 10.87 28.53
C ASP B 60 6.85 12.02 27.53
N PRO B 61 5.64 12.14 26.96
CA PRO B 61 5.32 13.22 26.05
C PRO B 61 5.55 14.61 26.66
N PHE B 62 5.15 14.81 27.92
CA PHE B 62 5.38 16.11 28.54
C PHE B 62 6.87 16.47 28.61
N GLY B 63 7.68 15.59 29.15
CA GLY B 63 9.09 15.83 29.29
C GLY B 63 9.77 16.05 27.95
N ARG B 64 9.36 15.23 26.96
CA ARG B 64 9.93 15.33 25.62
C ARG B 64 9.54 16.67 24.95
N LEU B 65 8.33 17.17 25.22
CA LEU B 65 7.93 18.48 24.72
C LEU B 65 8.80 19.57 25.36
N VAL B 66 8.96 19.52 26.68
CA VAL B 66 9.79 20.51 27.40
C VAL B 66 11.21 20.45 26.89
N ARG B 67 11.68 19.23 26.57
CA ARG B 67 13.05 19.09 26.03
C ARG B 67 13.24 19.82 24.69
N SER B 68 12.26 19.66 23.82
CA SER B 68 12.27 20.21 22.48
C SER B 68 12.14 21.75 22.53
N VAL B 69 11.21 22.26 23.32
CA VAL B 69 11.09 23.69 23.58
C VAL B 69 12.37 24.32 24.14
N ALA B 70 12.91 23.71 25.19
CA ALA B 70 14.13 24.17 25.85
C ALA B 70 15.34 24.22 24.91
N GLY B 71 15.42 23.23 24.02
CA GLY B 71 16.50 23.10 23.10
C GLY B 71 16.46 23.91 21.81
N GLN B 72 15.34 24.58 21.51
CA GLN B 72 15.20 25.27 20.21
C GLN B 72 16.23 26.40 20.05
N GLN B 73 16.90 26.43 18.90
CA GLN B 73 17.97 27.38 18.56
C GLN B 73 19.28 27.24 19.34
N LEU B 74 19.41 26.24 20.19
CA LEU B 74 20.64 26.00 20.94
C LEU B 74 21.49 24.95 20.24
N SER B 75 22.79 24.91 20.59
CA SER B 75 23.62 23.80 20.14
C SER B 75 23.19 22.52 20.85
N VAL B 76 23.52 21.37 20.26
CA VAL B 76 23.20 20.08 20.83
C VAL B 76 23.69 19.98 22.29
N LYS B 77 24.97 20.33 22.54
CA LYS B 77 25.50 20.33 23.88
C LYS B 77 24.72 21.26 24.84
N ALA B 78 24.37 22.44 24.34
CA ALA B 78 23.77 23.46 25.20
C ALA B 78 22.34 23.04 25.56
N ALA B 79 21.64 22.44 24.59
CA ALA B 79 20.27 21.89 24.77
C ALA B 79 20.22 20.78 25.83
N GLN B 80 21.17 19.85 25.77
CA GLN B 80 21.22 18.82 26.76
C GLN B 80 21.46 19.42 28.11
N ALA B 81 22.37 20.39 28.19
CA ALA B 81 22.75 20.98 29.47
C ALA B 81 21.61 21.75 30.14
N ILE B 82 20.87 22.54 29.35
CA ILE B 82 19.73 23.28 29.87
C ILE B 82 18.63 22.28 30.31
N TYR B 83 18.41 21.19 29.59
CA TYR B 83 17.42 20.21 30.03
C TYR B 83 17.80 19.53 31.34
N GLY B 84 19.07 19.16 31.48
CA GLY B 84 19.58 18.63 32.75
C GLY B 84 19.44 19.61 33.90
N ARG B 85 19.67 20.89 33.60
CA ARG B 85 19.32 21.95 34.57
C ARG B 85 17.82 21.94 35.02
N LEU B 86 16.93 21.74 34.08
CA LEU B 86 15.52 21.62 34.40
C LEU B 86 15.26 20.37 35.22
N GLU B 87 15.90 19.27 34.84
CA GLU B 87 15.82 18.04 35.60
C GLU B 87 16.27 18.20 37.06
N GLY B 88 17.18 19.14 37.31
CA GLY B 88 17.72 19.40 38.64
C GLY B 88 16.89 20.28 39.54
N LEU B 89 15.83 20.89 38.98
CA LEU B 89 14.92 21.66 39.80
C LEU B 89 14.17 20.70 40.68
N PRO B 90 13.58 21.19 41.80
CA PRO B 90 12.83 20.36 42.74
C PRO B 90 11.64 19.67 42.10
N GLY B 91 11.64 18.34 42.10
CA GLY B 91 10.61 17.56 41.45
C GLY B 91 10.84 17.25 39.98
N GLY B 92 11.85 17.86 39.36
CA GLY B 92 12.26 17.52 38.00
C GLY B 92 11.29 18.05 36.96
N VAL B 93 11.38 17.48 35.76
CA VAL B 93 10.45 17.84 34.65
C VAL B 93 9.15 17.05 34.75
N VAL B 94 8.32 17.54 35.66
CA VAL B 94 7.02 16.97 35.99
C VAL B 94 6.07 18.18 36.14
N PRO B 95 4.90 18.16 35.48
CA PRO B 95 3.98 19.34 35.55
C PRO B 95 3.75 19.94 36.95
N ALA B 96 3.32 19.14 37.93
CA ALA B 96 3.02 19.69 39.26
C ALA B 96 4.23 20.34 39.89
N ALA B 97 5.42 19.78 39.63
CA ALA B 97 6.70 20.27 40.18
C ALA B 97 7.09 21.58 39.53
N LEU B 98 7.08 21.61 38.20
CA LEU B 98 7.43 22.81 37.44
C LEU B 98 6.51 23.99 37.71
N LEU B 99 5.27 23.73 38.05
CA LEU B 99 4.32 24.81 38.43
C LEU B 99 4.69 25.50 39.72
N LYS B 100 5.50 24.86 40.55
CA LYS B 100 5.94 25.45 41.80
C LYS B 100 7.27 26.18 41.67
N VAL B 101 7.88 26.13 40.49
CA VAL B 101 9.11 26.83 40.22
C VAL B 101 8.77 28.26 39.69
N SER B 102 9.50 29.26 40.16
CA SER B 102 9.24 30.64 39.77
C SER B 102 9.72 30.91 38.34
N GLY B 103 9.17 31.94 37.70
CA GLY B 103 9.61 32.37 36.39
C GLY B 103 11.08 32.72 36.42
N ASP B 104 11.48 33.39 37.49
CA ASP B 104 12.90 33.70 37.75
C ASP B 104 13.85 32.52 37.84
N ASP B 105 13.44 31.45 38.51
CA ASP B 105 14.23 30.22 38.55
C ASP B 105 14.26 29.49 37.19
N LEU B 106 13.13 29.48 36.48
CA LEU B 106 13.14 28.94 35.12
C LEU B 106 14.04 29.78 34.22
N ARG B 107 13.88 31.09 34.30
CA ARG B 107 14.83 31.99 33.61
C ARG B 107 16.30 31.69 33.98
N GLY B 108 16.54 31.44 35.26
CA GLY B 108 17.89 31.15 35.77
C GLY B 108 18.59 29.91 35.26
N VAL B 109 17.86 28.95 34.71
CA VAL B 109 18.53 27.77 34.15
C VAL B 109 19.02 28.10 32.76
N GLY B 110 18.58 29.25 32.25
CA GLY B 110 19.10 29.80 31.00
C GLY B 110 18.06 29.98 29.90
N LEU B 111 16.79 29.77 30.21
CA LEU B 111 15.71 29.82 29.20
C LEU B 111 15.34 31.24 28.85
N SER B 112 15.06 31.48 27.57
CA SER B 112 14.50 32.75 27.13
C SER B 112 13.16 32.94 27.80
N TRP B 113 12.67 34.17 27.86
CA TRP B 113 11.32 34.39 28.42
C TRP B 113 10.24 33.69 27.59
N ALA B 114 10.38 33.67 26.28
CA ALA B 114 9.46 32.93 25.42
C ALA B 114 9.40 31.42 25.83
N LYS B 115 10.55 30.80 26.05
CA LYS B 115 10.59 29.41 26.52
C LYS B 115 10.03 29.24 27.93
N VAL B 116 10.39 30.14 28.85
CA VAL B 116 9.76 30.13 30.15
C VAL B 116 8.20 30.11 30.03
N ARG B 117 7.66 30.98 29.20
CA ARG B 117 6.21 31.11 29.05
CA ARG B 117 6.20 31.09 29.09
C ARG B 117 5.64 29.78 28.56
N THR B 118 6.28 29.23 27.56
CA THR B 118 5.83 27.98 26.95
C THR B 118 5.90 26.79 27.95
N VAL B 119 7.00 26.68 28.68
CA VAL B 119 7.15 25.63 29.69
C VAL B 119 6.12 25.80 30.83
N GLN B 120 5.98 27.00 31.37
CA GLN B 120 4.88 27.27 32.33
C GLN B 120 3.48 26.93 31.82
N ALA B 121 3.19 27.36 30.61
CA ALA B 121 1.89 27.11 29.99
C ALA B 121 1.61 25.60 29.83
N ALA B 122 2.61 24.85 29.38
CA ALA B 122 2.50 23.40 29.19
C ALA B 122 2.27 22.69 30.52
N ALA B 123 3.05 23.08 31.53
CA ALA B 123 2.95 22.53 32.89
C ALA B 123 1.55 22.84 33.43
N ALA B 124 1.09 24.08 33.25
CA ALA B 124 -0.25 24.49 33.73
C ALA B 124 -1.36 23.74 33.04
N ALA B 125 -1.19 23.52 31.74
CA ALA B 125 -2.19 22.80 30.93
C ALA B 125 -2.31 21.34 31.35
N ALA B 126 -1.18 20.73 31.77
CA ALA B 126 -1.14 19.36 32.21
C ALA B 126 -1.87 19.27 33.54
N VAL B 127 -1.55 20.18 34.43
CA VAL B 127 -2.12 20.19 35.79
C VAL B 127 -3.63 20.50 35.77
N SER B 128 -4.07 21.42 34.90
CA SER B 128 -5.47 21.84 34.85
C SER B 128 -6.37 20.95 34.02
N GLY B 129 -5.82 19.91 33.43
CA GLY B 129 -6.53 19.04 32.52
C GLY B 129 -6.74 19.59 31.12
N GLN B 130 -6.21 20.78 30.81
CA GLN B 130 -6.30 21.37 29.42
C GLN B 130 -5.76 20.41 28.40
N ILE B 131 -4.57 19.90 28.65
CA ILE B 131 -4.00 18.90 27.78
C ILE B 131 -3.70 17.70 28.61
N ASP B 132 -4.28 16.58 28.19
CA ASP B 132 -4.00 15.29 28.76
C ASP B 132 -2.74 14.71 28.10
N PHE B 133 -1.56 15.12 28.55
CA PHE B 133 -0.30 14.64 27.93
C PHE B 133 -0.18 13.12 27.97
N ALA B 134 -0.68 12.50 29.04
CA ALA B 134 -0.52 11.06 29.24
C ALA B 134 -1.38 10.24 28.26
N HIS B 135 -2.44 10.84 27.70
CA HIS B 135 -3.34 10.14 26.77
C HIS B 135 -3.19 10.59 25.30
N LEU B 136 -2.15 11.36 24.99
CA LEU B 136 -1.93 11.88 23.62
C LEU B 136 -1.70 10.73 22.63
N SER B 137 -0.84 9.79 23.02
CA SER B 137 -0.50 8.65 22.16
C SER B 137 -1.74 7.94 21.59
N GLY B 138 -2.88 8.00 22.29
CA GLY B 138 -4.15 7.45 21.76
C GLY B 138 -5.04 8.37 20.92
N GLN B 139 -4.60 9.61 20.66
CA GLN B 139 -5.39 10.60 19.94
C GLN B 139 -4.93 10.75 18.50
N PRO B 140 -5.87 10.97 17.56
CA PRO B 140 -5.49 11.22 16.17
C PRO B 140 -4.54 12.41 16.03
N ASP B 141 -3.68 12.37 15.02
CA ASP B 141 -2.64 13.37 14.81
C ASP B 141 -3.15 14.81 14.93
N GLU B 142 -4.25 15.10 14.23
CA GLU B 142 -4.75 16.48 14.19
C GLU B 142 -5.32 16.98 15.48
N LEU B 143 -5.82 16.06 16.31
CA LEU B 143 -6.31 16.45 17.60
C LEU B 143 -5.13 16.75 18.53
N VAL B 144 -4.08 15.92 18.47
CA VAL B 144 -2.85 16.23 19.22
C VAL B 144 -2.28 17.59 18.81
N ILE B 145 -2.18 17.82 17.52
CA ILE B 145 -1.69 19.12 17.01
C ILE B 145 -2.55 20.31 17.53
N ALA B 146 -3.86 20.21 17.39
CA ALA B 146 -4.81 21.24 17.84
C ALA B 146 -4.57 21.60 19.33
N GLU B 147 -4.35 20.59 20.16
CA GLU B 147 -4.14 20.81 21.57
C GLU B 147 -2.82 21.53 21.86
N LEU B 148 -1.73 21.05 21.27
CA LEU B 148 -0.42 21.65 21.47
C LEU B 148 -0.28 23.09 20.90
N VAL B 149 -0.86 23.32 19.72
CA VAL B 149 -0.88 24.66 19.07
C VAL B 149 -1.47 25.75 19.96
N GLN B 150 -2.43 25.39 20.81
CA GLN B 150 -2.95 26.37 21.75
C GLN B 150 -1.94 26.89 22.74
N LEU B 151 -0.79 26.22 22.90
CA LEU B 151 0.24 26.73 23.80
C LEU B 151 1.01 27.81 23.12
N PRO B 152 1.39 28.85 23.90
CA PRO B 152 2.21 29.94 23.39
C PRO B 152 3.55 29.40 22.91
N GLY B 153 4.01 29.83 21.75
CA GLY B 153 5.33 29.44 21.24
C GLY B 153 5.40 28.05 20.57
N ILE B 154 4.29 27.32 20.60
CA ILE B 154 4.19 26.04 19.97
C ILE B 154 3.16 26.23 18.87
N GLY B 155 3.64 26.13 17.64
CA GLY B 155 2.80 26.15 16.45
C GLY B 155 2.65 24.78 15.85
N ARG B 156 2.13 24.76 14.61
CA ARG B 156 1.84 23.49 13.92
C ARG B 156 3.11 22.69 13.70
N TRP B 157 4.14 23.34 13.20
CA TRP B 157 5.42 22.72 12.87
C TRP B 157 6.02 22.03 14.10
N THR B 158 6.13 22.76 15.22
CA THR B 158 6.57 22.16 16.47
C THR B 158 5.75 20.95 16.88
N ALA B 159 4.42 21.04 16.73
CA ALA B 159 3.51 19.94 17.09
C ALA B 159 3.70 18.76 16.17
N GLU B 160 3.97 19.02 14.90
CA GLU B 160 4.15 17.96 13.91
C GLU B 160 5.51 17.22 14.15
N MET B 161 6.53 17.99 14.45
CA MET B 161 7.84 17.44 14.78
C MET B 161 7.75 16.55 16.02
N PHE B 162 6.93 16.97 16.96
CA PHE B 162 6.65 16.21 18.18
C PHE B 162 5.92 14.88 17.89
N LEU B 163 4.86 14.91 17.09
CA LEU B 163 4.21 13.70 16.61
C LEU B 163 5.19 12.72 15.97
N LEU B 164 6.06 13.25 15.11
CA LEU B 164 6.93 12.44 14.29
C LEU B 164 8.07 11.88 15.14
N PHE B 165 8.77 12.76 15.85
CA PHE B 165 9.93 12.40 16.60
C PHE B 165 9.74 11.88 18.00
N ALA B 166 8.77 12.42 18.73
CA ALA B 166 8.53 12.05 20.15
C ALA B 166 7.55 10.90 20.25
N LEU B 167 6.47 10.98 19.47
CA LEU B 167 5.43 9.99 19.49
C LEU B 167 5.64 8.91 18.41
N ALA B 168 6.65 9.06 17.56
CA ALA B 168 6.95 8.07 16.52
C ALA B 168 5.74 7.79 15.66
N ARG B 169 4.88 8.79 15.43
CA ARG B 169 3.77 8.65 14.50
C ARG B 169 4.33 8.44 13.08
N PRO B 170 3.78 7.44 12.35
CA PRO B 170 4.29 7.03 11.04
C PRO B 170 3.87 7.81 9.81
N ASP B 171 2.88 8.72 9.90
CA ASP B 171 2.28 9.29 8.70
C ASP B 171 2.18 10.83 8.75
N VAL B 172 3.27 11.47 9.18
CA VAL B 172 3.32 12.90 9.32
C VAL B 172 4.18 13.54 8.24
N PHE B 173 3.58 14.33 7.37
CA PHE B 173 4.36 15.21 6.45
C PHE B 173 4.07 16.67 6.87
N SER B 174 5.08 17.37 7.35
CA SER B 174 4.97 18.74 7.78
C SER B 174 5.14 19.71 6.58
N SER B 175 4.02 20.25 6.10
CA SER B 175 4.01 21.11 4.92
C SER B 175 4.63 22.47 5.20
N GLY B 176 4.76 22.80 6.47
CA GLY B 176 5.44 24.01 6.93
C GLY B 176 6.94 23.87 7.13
N ASP B 177 7.47 22.66 7.01
CA ASP B 177 8.92 22.45 7.08
C ASP B 177 9.56 22.92 5.78
N LEU B 178 10.38 23.96 5.87
CA LEU B 178 11.02 24.53 4.65
C LEU B 178 11.88 23.51 3.93
N ALA B 179 12.65 22.73 4.69
CA ALA B 179 13.52 21.72 4.12
C ALA B 179 12.77 20.61 3.36
N LEU B 180 11.70 20.12 3.97
CA LEU B 180 10.84 19.18 3.31
C LEU B 180 10.25 19.75 2.03
N ARG B 181 9.71 20.96 2.09
CA ARG B 181 9.14 21.59 0.93
C ARG B 181 10.16 21.89 -0.17
N GLN B 182 11.39 22.27 0.22
CA GLN B 182 12.50 22.50 -0.75
C GLN B 182 12.92 21.22 -1.46
N GLY B 183 12.91 20.12 -0.71
CA GLY B 183 13.29 18.80 -1.21
C GLY B 183 12.28 18.24 -2.18
N VAL B 184 11.00 18.43 -1.88
CA VAL B 184 9.92 18.04 -2.78
C VAL B 184 9.96 18.86 -4.06
N GLU B 185 10.15 20.17 -3.96
CA GLU B 185 10.30 21.01 -5.17
C GLU B 185 11.52 20.60 -5.99
N ARG B 186 12.63 20.37 -5.33
CA ARG B 186 13.87 19.94 -5.98
C ARG B 186 13.71 18.57 -6.71
N LEU B 187 13.14 17.62 -6.03
CA LEU B 187 13.06 16.23 -6.52
C LEU B 187 11.86 15.98 -7.41
N TYR B 188 10.80 16.77 -7.23
CA TYR B 188 9.59 16.66 -8.03
C TYR B 188 9.18 18.01 -8.60
N PRO B 189 10.05 18.62 -9.43
CA PRO B 189 9.68 19.94 -9.93
C PRO B 189 8.37 19.90 -10.72
N GLY B 190 7.50 20.86 -10.47
CA GLY B 190 6.26 21.00 -11.26
C GLY B 190 5.15 20.07 -10.88
N GLU B 191 5.36 19.28 -9.83
CA GLU B 191 4.33 18.37 -9.33
C GLU B 191 3.68 18.98 -8.11
N ASP B 192 2.42 18.61 -7.88
CA ASP B 192 1.64 19.04 -6.71
C ASP B 192 2.18 18.33 -5.47
N TRP B 193 2.70 19.08 -4.52
CA TRP B 193 3.30 18.48 -3.34
C TRP B 193 2.28 17.62 -2.59
N ARG B 194 1.01 18.03 -2.60
CA ARG B 194 -0.06 17.28 -1.93
CA ARG B 194 -0.06 17.28 -1.93
C ARG B 194 -0.26 15.92 -2.56
N ASP B 195 -0.06 15.85 -3.87
CA ASP B 195 -0.13 14.59 -4.65
C ASP B 195 1.11 13.72 -4.38
N VAL B 196 2.29 14.34 -4.54
CA VAL B 196 3.55 13.67 -4.31
C VAL B 196 3.55 12.96 -2.92
N THR B 197 3.21 13.74 -1.90
CA THR B 197 3.34 13.28 -0.51
C THR B 197 2.20 12.33 -0.12
N ALA B 198 1.01 12.52 -0.73
CA ALA B 198 -0.12 11.65 -0.48
C ALA B 198 0.20 10.19 -0.84
N ARG B 199 0.98 9.99 -1.88
CA ARG B 199 1.45 8.68 -2.31
C ARG B 199 2.27 7.91 -1.26
N TRP B 200 2.97 8.66 -0.39
CA TRP B 200 3.80 8.04 0.65
C TRP B 200 3.02 7.53 1.82
N ALA B 201 1.77 7.99 1.96
CA ALA B 201 0.92 7.56 3.05
C ALA B 201 0.78 6.04 2.95
N PRO B 202 0.75 5.31 4.08
CA PRO B 202 0.72 5.73 5.46
C PRO B 202 2.13 5.81 6.11
N TYR B 203 3.15 6.14 5.30
CA TYR B 203 4.51 6.27 5.79
C TYR B 203 5.15 7.63 5.50
N ARG B 204 4.38 8.71 5.62
CA ARG B 204 4.88 10.06 5.34
C ARG B 204 6.03 10.49 6.25
N SER B 205 6.07 9.96 7.47
CA SER B 205 7.15 10.28 8.43
C SER B 205 8.50 9.75 7.99
N LEU B 206 8.58 8.48 7.62
CA LEU B 206 9.85 7.92 7.20
C LEU B 206 10.24 8.58 5.89
N ALA B 207 9.24 8.87 5.05
CA ALA B 207 9.50 9.61 3.81
C ALA B 207 10.18 10.96 4.09
N SER B 208 9.59 11.68 5.04
CA SER B 208 10.10 12.96 5.55
C SER B 208 11.51 12.82 6.01
N ARG B 209 11.76 11.77 6.78
CA ARG B 209 13.11 11.54 7.31
C ARG B 209 14.13 11.26 6.22
N TYR B 210 13.70 10.56 5.15
CA TYR B 210 14.51 10.38 3.95
C TYR B 210 14.79 11.64 3.19
N LEU B 211 13.83 12.55 3.14
CA LEU B 211 14.08 13.86 2.56
C LEU B 211 15.14 14.60 3.35
N TRP B 212 14.99 14.67 4.68
CA TRP B 212 15.97 15.35 5.54
C TRP B 212 17.36 14.66 5.39
N ALA B 213 17.35 13.34 5.34
CA ALA B 213 18.59 12.55 5.17
C ALA B 213 19.27 12.83 3.81
N ASN B 214 18.47 12.97 2.76
CA ASN B 214 19.00 13.26 1.44
C ASN B 214 19.63 14.65 1.37
N SER B 215 19.01 15.63 2.04
CA SER B 215 19.60 16.95 2.17
C SER B 215 20.97 16.91 2.87
N ALA B 216 21.04 16.15 3.97
CA ALA B 216 22.26 16.01 4.71
C ALA B 216 23.30 15.39 3.83
N ARG B 217 22.87 14.43 3.01
CA ARG B 217 23.77 13.71 2.09
C ARG B 217 24.30 14.65 0.99
N MET B 218 23.41 15.45 0.41
CA MET B 218 23.86 16.50 -0.53
C MET B 218 24.75 17.52 0.19
N GLN B 219 24.43 17.88 1.42
CA GLN B 219 25.31 18.81 2.16
C GLN B 219 26.69 18.26 2.51
N ALA B 220 26.83 16.93 2.47
CA ALA B 220 28.09 16.21 2.64
C ALA B 220 28.89 16.03 1.33
N GLY B 221 28.37 16.48 0.21
CA GLY B 221 29.06 16.41 -1.07
C GLY B 221 28.51 15.31 -1.95
N GLY B 222 27.38 14.71 -1.57
CA GLY B 222 26.79 13.60 -2.32
C GLY B 222 26.32 13.97 -3.72
N ALA B 223 26.26 12.97 -4.61
CA ALA B 223 25.80 13.19 -5.95
C ALA B 223 24.26 13.31 -5.97
N PRO B 224 23.75 14.21 -6.80
CA PRO B 224 22.32 14.36 -6.89
C PRO B 224 21.72 13.18 -7.64
N LEU B 225 20.45 12.93 -7.40
CA LEU B 225 19.64 12.19 -8.36
C LEU B 225 19.61 13.00 -9.66
#